data_8OT0
#
_entry.id   8OT0
#
_cell.length_a   167.102
_cell.length_b   167.102
_cell.length_c   51.379
_cell.angle_alpha   90.000
_cell.angle_beta   90.000
_cell.angle_gamma   120.000
#
_symmetry.space_group_name_H-M   'P 31 2 1'
#
loop_
_entity.id
_entity.type
_entity.pdbx_description
1 polymer "2'-O-methyltransferase nsp16"
2 polymer 'Non-structural protein 10'
3 non-polymer 1,2-ETHANEDIOL
4 non-polymer '2-(N-MORPHOLINO)-ETHANESULFONIC ACID'
5 non-polymer "5'-DEOXY-5'-METHYLTHIOADENOSINE"
6 non-polymer GLYCINE
7 non-polymer 'ZINC ION'
8 water water
#
loop_
_entity_poly.entity_id
_entity_poly.type
_entity_poly.pdbx_seq_one_letter_code
_entity_poly.pdbx_strand_id
1 'polypeptide(L)'
;SSQAWQPGVAMPNLYKMQRMLLEKCDLQNYGDSATLPKGIMMNVAKYTQLCQYLNTLTLAVPYNMRVIHFGAGSDKGVAP
GTAVLRQWLPTGTLLVDSDLNDFVSDADSTLIGDCATVHTANKWDLIISDMYDPKTKNVTKENDSKEGFFTYICGFIQQK
LALGGSVAIKITEHSWNADLYKLMGHFAWWTAFVTNVNASSSEAFLIGCNYLGKPREQIDGYVMHANYIFWRNTNPIQLS
SYSLFDMSKFPLKLRGTAVMSLKEGQINDMILSLLSKGRLIIRENNRVVISSDVLVNNENCYFQ
;
A
2 'polypeptide(L)'
;GAGNATEVPANSTVLSFCAFAVDAAKAYKDYLASGGQPITNCVKMLCTHTGTGQAITVTPEANMDQESFGGASCCLYCRC
HIDHPNPKGFCDLKGKYVQIPTTCANDPVGFTLKNTVCTVCGMWKGYGCSCDQLREPMLQ
;
B
#
# COMPACT_ATOMS: atom_id res chain seq x y z
N SER A 1 -1.79 -6.73 25.93
CA SER A 1 -0.73 -7.65 26.32
C SER A 1 0.56 -7.37 25.58
N SER A 2 1.29 -8.47 25.39
CA SER A 2 2.41 -8.59 24.45
C SER A 2 1.99 -8.13 23.05
N GLN A 3 0.67 -7.98 22.85
CA GLN A 3 0.16 -7.50 21.58
C GLN A 3 0.73 -6.12 21.22
N ALA A 4 1.06 -5.29 22.21
CA ALA A 4 1.47 -3.93 21.89
C ALA A 4 2.80 -3.90 21.14
N TRP A 5 3.63 -4.94 21.25
CA TRP A 5 4.90 -4.99 20.52
C TRP A 5 4.79 -5.67 19.18
N GLN A 6 3.61 -6.14 18.81
CA GLN A 6 3.35 -6.64 17.46
C GLN A 6 2.98 -5.49 16.55
N PRO A 7 2.96 -5.71 15.23
CA PRO A 7 2.46 -4.66 14.34
C PRO A 7 0.95 -4.51 14.41
N GLY A 8 0.24 -5.50 14.93
CA GLY A 8 -1.20 -5.47 14.98
C GLY A 8 -1.72 -6.75 15.60
N VAL A 9 -3.01 -6.98 15.42
CA VAL A 9 -3.70 -8.12 16.01
C VAL A 9 -4.56 -8.75 14.94
N ALA A 10 -4.39 -10.06 14.72
CA ALA A 10 -5.22 -10.82 13.80
C ALA A 10 -6.39 -11.46 14.56
N MET A 11 -7.55 -11.57 13.88
CA MET A 11 -8.75 -12.21 14.42
C MET A 11 -8.45 -13.61 14.96
N PRO A 12 -8.64 -13.85 16.25
CA PRO A 12 -8.43 -15.21 16.79
C PRO A 12 -9.34 -16.22 16.10
N ASN A 13 -8.80 -17.42 15.89
CA ASN A 13 -9.54 -18.44 15.14
C ASN A 13 -10.89 -18.75 15.80
N LEU A 14 -10.94 -18.72 17.12
CA LEU A 14 -12.20 -18.99 17.82
C LEU A 14 -13.32 -18.05 17.39
N TYR A 15 -13.01 -16.77 17.17
CA TYR A 15 -14.09 -15.87 16.76
C TYR A 15 -14.56 -16.21 15.35
N LYS A 16 -13.67 -16.70 14.49
CA LYS A 16 -14.08 -17.05 13.14
C LYS A 16 -15.11 -18.18 13.15
N MET A 17 -15.09 -19.04 14.17
CA MET A 17 -15.97 -20.21 14.21
C MET A 17 -17.31 -19.94 14.85
N GLN A 18 -17.60 -18.70 15.23
CA GLN A 18 -18.85 -18.41 15.91
C GLN A 18 -19.98 -18.22 14.90
N ARG A 19 -21.20 -18.01 15.42
N ARG A 19 -21.19 -17.99 15.42
CA ARG A 19 -22.37 -17.73 14.60
CA ARG A 19 -22.36 -17.71 14.58
C ARG A 19 -23.14 -16.55 15.21
C ARG A 19 -23.13 -16.55 15.21
N MET A 20 -22.46 -15.41 15.32
CA MET A 20 -23.01 -14.21 15.96
C MET A 20 -23.99 -13.47 15.04
N LEU A 21 -24.73 -12.57 15.65
CA LEU A 21 -25.61 -11.64 14.95
C LEU A 21 -24.92 -10.29 14.82
N LEU A 22 -25.19 -9.62 13.71
CA LEU A 22 -24.53 -8.34 13.46
C LEU A 22 -25.03 -7.31 14.45
N GLU A 23 -24.11 -6.75 15.24
CA GLU A 23 -24.41 -5.66 16.14
C GLU A 23 -23.68 -4.41 15.71
N LYS A 24 -24.03 -3.31 16.36
CA LYS A 24 -23.29 -2.08 16.15
C LYS A 24 -21.90 -2.22 16.76
N CYS A 25 -20.90 -1.60 16.11
CA CYS A 25 -19.54 -1.62 16.64
C CYS A 25 -19.37 -0.45 17.60
N ASP A 26 -19.01 -0.75 18.85
CA ASP A 26 -18.75 0.26 19.89
C ASP A 26 -17.37 0.02 20.47
N LEU A 27 -16.37 0.77 20.00
CA LEU A 27 -14.98 0.54 20.39
C LEU A 27 -14.67 1.31 21.67
N GLN A 28 -14.03 0.62 22.62
CA GLN A 28 -13.81 1.22 23.92
C GLN A 28 -12.85 2.39 23.84
N ASN A 29 -11.70 2.20 23.17
CA ASN A 29 -10.76 3.30 22.97
C ASN A 29 -11.07 4.09 21.69
N TYR A 30 -12.36 4.33 21.43
CA TYR A 30 -12.78 5.20 20.33
C TYR A 30 -12.33 6.63 20.57
N GLY A 31 -11.76 7.26 19.54
CA GLY A 31 -11.28 8.63 19.63
C GLY A 31 -9.81 8.76 20.02
N ASP A 32 -9.29 7.79 20.80
CA ASP A 32 -7.86 7.73 21.07
C ASP A 32 -7.05 7.80 19.78
N SER A 33 -5.81 8.28 19.89
CA SER A 33 -4.90 8.40 18.76
C SER A 33 -3.55 7.82 19.15
N ALA A 34 -2.97 7.01 18.27
CA ALA A 34 -1.60 6.55 18.51
C ALA A 34 -0.65 7.72 18.34
N THR A 35 0.39 7.77 19.16
CA THR A 35 1.42 8.79 19.02
C THR A 35 2.43 8.30 17.98
N LEU A 36 2.42 8.97 16.81
CA LEU A 36 3.22 8.56 15.67
C LEU A 36 4.63 9.12 15.79
N PRO A 37 5.63 8.38 15.30
CA PRO A 37 6.98 8.94 15.24
C PRO A 37 6.94 10.30 14.56
N LYS A 38 7.82 11.20 14.99
CA LYS A 38 7.84 12.56 14.48
C LYS A 38 7.79 12.59 12.96
N GLY A 39 6.80 13.31 12.40
CA GLY A 39 6.76 13.57 10.97
C GLY A 39 6.29 12.43 10.09
N ILE A 40 5.73 11.37 10.67
CA ILE A 40 5.29 10.19 9.93
C ILE A 40 3.77 10.25 9.76
N MET A 41 3.27 10.12 8.52
CA MET A 41 1.82 10.12 8.31
C MET A 41 1.16 8.83 8.76
N MET A 42 -0.12 8.96 9.18
CA MET A 42 -0.88 7.80 9.60
C MET A 42 -0.81 6.68 8.57
N ASN A 43 -0.90 7.02 7.27
CA ASN A 43 -0.96 5.96 6.28
C ASN A 43 0.39 5.29 6.05
N VAL A 44 1.51 6.00 6.24
CA VAL A 44 2.79 5.31 6.23
C VAL A 44 2.86 4.30 7.37
N ALA A 45 2.49 4.73 8.58
CA ALA A 45 2.51 3.84 9.74
C ALA A 45 1.54 2.67 9.56
N LYS A 46 0.36 2.93 9.01
CA LYS A 46 -0.62 1.88 8.84
C LYS A 46 -0.15 0.84 7.83
N TYR A 47 0.34 1.30 6.67
CA TYR A 47 0.86 0.35 5.69
C TYR A 47 2.10 -0.39 6.18
N THR A 48 2.92 0.25 7.02
CA THR A 48 4.11 -0.44 7.50
C THR A 48 3.73 -1.62 8.38
N GLN A 49 2.78 -1.40 9.30
CA GLN A 49 2.34 -2.48 10.16
C GLN A 49 1.63 -3.57 9.36
N LEU A 50 0.80 -3.18 8.39
CA LEU A 50 0.23 -4.19 7.49
C LEU A 50 1.34 -5.03 6.86
N CYS A 51 2.37 -4.36 6.30
CA CYS A 51 3.45 -5.10 5.66
C CYS A 51 4.25 -5.93 6.68
N GLN A 52 4.48 -5.39 7.88
CA GLN A 52 5.18 -6.18 8.90
C GLN A 52 4.41 -7.46 9.22
N TYR A 53 3.07 -7.37 9.23
CA TYR A 53 2.28 -8.57 9.49
C TYR A 53 2.35 -9.53 8.31
N LEU A 54 2.28 -9.02 7.08
CA LEU A 54 2.31 -9.90 5.93
C LEU A 54 3.62 -10.68 5.87
N ASN A 55 4.71 -10.09 6.35
CA ASN A 55 5.97 -10.80 6.47
C ASN A 55 5.85 -12.11 7.24
N THR A 56 4.86 -12.23 8.15
CA THR A 56 4.73 -13.46 8.92
C THR A 56 3.91 -14.53 8.23
N LEU A 57 3.37 -14.27 7.05
CA LEU A 57 2.53 -15.27 6.41
C LEU A 57 3.36 -16.04 5.38
N THR A 58 2.70 -16.88 4.60
CA THR A 58 3.39 -17.65 3.59
C THR A 58 3.12 -17.11 2.19
N LEU A 59 3.44 -15.84 1.94
CA LEU A 59 3.21 -15.24 0.63
C LEU A 59 4.14 -15.85 -0.42
N ALA A 60 3.59 -16.10 -1.61
CA ALA A 60 4.44 -16.39 -2.76
C ALA A 60 5.16 -15.11 -3.18
N VAL A 61 6.47 -15.20 -3.40
CA VAL A 61 7.25 -14.03 -3.83
C VAL A 61 8.10 -14.44 -5.03
N PRO A 62 7.52 -14.48 -6.23
CA PRO A 62 8.28 -14.87 -7.41
C PRO A 62 9.17 -13.76 -7.94
N TYR A 63 10.07 -14.15 -8.84
CA TYR A 63 10.72 -13.18 -9.72
C TYR A 63 9.68 -12.59 -10.67
N ASN A 64 9.91 -11.34 -11.09
N ASN A 64 9.90 -11.34 -11.09
CA ASN A 64 8.95 -10.62 -11.91
CA ASN A 64 8.92 -10.66 -11.94
C ASN A 64 7.58 -10.54 -11.24
C ASN A 64 7.57 -10.55 -11.24
N MET A 65 7.59 -10.30 -9.93
CA MET A 65 6.36 -10.16 -9.15
C MET A 65 5.54 -8.96 -9.63
N ARG A 66 4.21 -9.13 -9.61
CA ARG A 66 3.28 -8.11 -10.04
C ARG A 66 2.29 -7.83 -8.93
N VAL A 67 2.14 -6.55 -8.58
CA VAL A 67 1.32 -6.13 -7.45
C VAL A 67 0.45 -4.97 -7.92
N ILE A 68 -0.86 -5.05 -7.67
CA ILE A 68 -1.80 -3.97 -7.99
C ILE A 68 -2.39 -3.43 -6.68
N HIS A 69 -2.51 -2.10 -6.59
CA HIS A 69 -2.87 -1.39 -5.37
C HIS A 69 -4.03 -0.44 -5.65
N PHE A 70 -5.23 -0.76 -5.17
CA PHE A 70 -6.41 0.08 -5.39
C PHE A 70 -6.64 1.02 -4.21
N GLY A 71 -7.20 2.18 -4.50
CA GLY A 71 -7.45 3.20 -3.50
C GLY A 71 -6.18 3.82 -2.99
N ALA A 72 -5.22 4.09 -3.88
CA ALA A 72 -3.88 4.51 -3.50
C ALA A 72 -3.74 6.03 -3.32
N GLY A 73 -4.73 6.81 -3.74
CA GLY A 73 -4.65 8.24 -3.55
C GLY A 73 -4.92 8.65 -2.10
N SER A 74 -4.75 9.94 -1.86
CA SER A 74 -5.04 10.55 -0.58
C SER A 74 -5.61 11.93 -0.83
N ASP A 75 -6.26 12.49 0.18
CA ASP A 75 -6.69 13.88 0.08
C ASP A 75 -5.50 14.84 -0.02
N LYS A 76 -4.27 14.35 0.13
N LYS A 76 -4.27 14.34 0.13
CA LYS A 76 -3.09 15.19 0.01
CA LYS A 76 -3.08 15.17 0.02
C LYS A 76 -2.48 15.15 -1.39
C LYS A 76 -2.47 15.13 -1.38
N GLY A 77 -3.04 14.36 -2.30
CA GLY A 77 -2.51 14.27 -3.66
C GLY A 77 -1.28 13.40 -3.83
N VAL A 78 -0.92 12.60 -2.81
CA VAL A 78 0.24 11.74 -2.88
C VAL A 78 -0.22 10.33 -2.50
N ALA A 79 0.73 9.40 -2.48
CA ALA A 79 0.41 7.97 -2.30
C ALA A 79 1.32 7.40 -1.24
N PRO A 80 1.04 7.68 0.03
CA PRO A 80 1.89 7.13 1.11
C PRO A 80 1.92 5.62 1.09
N GLY A 81 0.76 4.97 0.93
CA GLY A 81 0.71 3.52 0.92
C GLY A 81 1.51 2.92 -0.22
N THR A 82 1.44 3.52 -1.42
CA THR A 82 2.25 3.00 -2.50
C THR A 82 3.74 3.07 -2.16
N ALA A 83 4.17 4.18 -1.54
CA ALA A 83 5.58 4.33 -1.18
C ALA A 83 6.01 3.25 -0.20
N VAL A 84 5.18 2.91 0.78
CA VAL A 84 5.54 1.82 1.69
C VAL A 84 5.56 0.48 0.95
N LEU A 85 4.57 0.24 0.07
CA LEU A 85 4.56 -1.03 -0.65
C LEU A 85 5.82 -1.20 -1.50
N ARG A 86 6.29 -0.10 -2.11
CA ARG A 86 7.46 -0.22 -2.96
C ARG A 86 8.73 -0.38 -2.13
N GLN A 87 8.80 0.26 -0.98
CA GLN A 87 9.88 -0.01 -0.03
C GLN A 87 9.88 -1.47 0.39
N TRP A 88 8.69 -2.02 0.66
CA TRP A 88 8.61 -3.37 1.20
C TRP A 88 8.92 -4.42 0.15
N LEU A 89 8.30 -4.29 -1.02
CA LEU A 89 8.41 -5.30 -2.08
C LEU A 89 9.83 -5.35 -2.62
N PRO A 90 10.27 -6.52 -3.08
CA PRO A 90 11.61 -6.63 -3.67
C PRO A 90 11.79 -5.63 -4.80
N THR A 91 13.02 -5.14 -4.92
CA THR A 91 13.35 -4.20 -5.99
C THR A 91 13.06 -4.84 -7.35
N GLY A 92 12.43 -4.08 -8.23
CA GLY A 92 12.03 -4.60 -9.51
C GLY A 92 10.61 -5.15 -9.58
N THR A 93 9.92 -5.31 -8.44
CA THR A 93 8.52 -5.72 -8.47
C THR A 93 7.69 -4.72 -9.26
N LEU A 94 6.90 -5.21 -10.22
CA LEU A 94 5.99 -4.34 -10.95
C LEU A 94 4.85 -3.90 -10.04
N LEU A 95 4.72 -2.59 -9.85
CA LEU A 95 3.72 -2.04 -8.93
C LEU A 95 2.81 -1.10 -9.70
N VAL A 96 1.52 -1.47 -9.83
CA VAL A 96 0.49 -0.62 -10.43
C VAL A 96 -0.45 -0.14 -9.32
N ASP A 97 -0.79 1.15 -9.34
CA ASP A 97 -1.78 1.63 -8.38
C ASP A 97 -2.83 2.49 -9.08
N SER A 98 -3.90 2.78 -8.35
CA SER A 98 -5.09 3.38 -8.95
C SER A 98 -5.88 4.08 -7.86
N ASP A 99 -6.65 5.07 -8.30
CA ASP A 99 -7.57 5.75 -7.40
C ASP A 99 -8.57 6.52 -8.25
N LEU A 100 -9.69 6.87 -7.62
CA LEU A 100 -10.72 7.68 -8.27
C LEU A 100 -10.23 9.09 -8.59
N ASN A 101 -9.47 9.70 -7.68
CA ASN A 101 -8.97 11.06 -7.83
C ASN A 101 -7.49 11.07 -8.15
N ASP A 102 -7.06 12.13 -8.83
CA ASP A 102 -5.67 12.25 -9.24
C ASP A 102 -4.73 12.37 -8.04
N PHE A 103 -3.52 11.84 -8.22
CA PHE A 103 -2.46 11.84 -7.22
C PHE A 103 -1.15 11.51 -7.92
N VAL A 104 -0.03 11.85 -7.28
CA VAL A 104 1.29 11.54 -7.81
C VAL A 104 1.87 10.38 -7.00
N SER A 105 2.48 9.43 -7.70
CA SER A 105 2.75 8.13 -7.14
C SER A 105 4.16 7.69 -7.51
N ASP A 106 4.72 6.81 -6.70
CA ASP A 106 5.98 6.13 -7.04
C ASP A 106 5.75 4.80 -7.74
N ALA A 107 4.50 4.43 -7.97
CA ALA A 107 4.20 3.21 -8.70
C ALA A 107 4.74 3.29 -10.13
N ASP A 108 4.99 2.10 -10.71
CA ASP A 108 5.44 2.02 -12.08
C ASP A 108 4.39 2.53 -13.06
N SER A 109 3.12 2.37 -12.74
CA SER A 109 2.05 2.92 -13.56
C SER A 109 0.85 3.19 -12.68
N THR A 110 0.19 4.33 -12.93
CA THR A 110 -0.96 4.79 -12.17
C THR A 110 -2.16 4.98 -13.10
N LEU A 111 -3.32 4.46 -12.70
CA LEU A 111 -4.55 4.66 -13.45
C LEU A 111 -5.50 5.49 -12.60
N ILE A 112 -6.02 6.58 -13.16
CA ILE A 112 -6.95 7.44 -12.44
C ILE A 112 -8.36 7.19 -12.96
N GLY A 113 -9.28 6.88 -12.05
CA GLY A 113 -10.66 6.59 -12.41
C GLY A 113 -11.27 5.62 -11.44
N ASP A 114 -12.58 5.44 -11.57
CA ASP A 114 -13.28 4.42 -10.80
C ASP A 114 -12.66 3.05 -11.06
N CYS A 115 -12.55 2.25 -10.00
CA CYS A 115 -11.84 0.98 -10.14
C CYS A 115 -12.56 0.04 -11.10
N ALA A 116 -13.88 0.18 -11.25
CA ALA A 116 -14.58 -0.69 -12.21
C ALA A 116 -14.14 -0.45 -13.64
N THR A 117 -13.51 0.70 -13.93
CA THR A 117 -13.02 0.93 -15.28
C THR A 117 -11.69 0.23 -15.57
N VAL A 118 -11.08 -0.43 -14.58
CA VAL A 118 -9.71 -0.93 -14.71
C VAL A 118 -9.72 -2.36 -15.23
N HIS A 119 -8.94 -2.61 -16.29
CA HIS A 119 -8.76 -3.94 -16.86
C HIS A 119 -7.28 -4.26 -17.00
N THR A 120 -6.94 -5.54 -16.85
CA THR A 120 -5.56 -5.96 -16.98
C THR A 120 -5.54 -7.25 -17.80
N ALA A 121 -4.55 -7.35 -18.69
CA ALA A 121 -4.43 -8.55 -19.51
C ALA A 121 -3.84 -9.70 -18.69
N ASN A 122 -2.95 -9.39 -17.76
CA ASN A 122 -2.16 -10.33 -16.99
C ASN A 122 -2.82 -10.57 -15.63
N LYS A 123 -2.36 -11.62 -14.94
CA LYS A 123 -2.77 -11.91 -13.57
C LYS A 123 -1.78 -11.28 -12.57
N TRP A 124 -2.16 -11.30 -11.29
CA TRP A 124 -1.39 -10.60 -10.26
C TRP A 124 -1.03 -11.54 -9.11
N ASP A 125 0.13 -11.28 -8.50
CA ASP A 125 0.59 -12.04 -7.34
C ASP A 125 0.11 -11.46 -6.01
N LEU A 126 -0.28 -10.19 -5.96
CA LEU A 126 -0.75 -9.57 -4.74
C LEU A 126 -1.68 -8.41 -5.09
N ILE A 127 -2.86 -8.37 -4.47
CA ILE A 127 -3.80 -7.26 -4.61
C ILE A 127 -3.97 -6.61 -3.26
N ILE A 128 -3.75 -5.29 -3.21
CA ILE A 128 -3.93 -4.47 -2.02
C ILE A 128 -5.04 -3.46 -2.30
N SER A 129 -6.01 -3.34 -1.39
CA SER A 129 -7.05 -2.33 -1.55
C SER A 129 -7.23 -1.55 -0.27
N ASP A 130 -7.16 -0.22 -0.39
CA ASP A 130 -7.54 0.70 0.68
C ASP A 130 -8.73 1.57 0.27
N MET A 131 -9.41 1.20 -0.81
CA MET A 131 -10.68 1.83 -1.20
C MET A 131 -11.65 1.91 -0.04
N TYR A 132 -12.25 3.09 0.10
CA TYR A 132 -13.12 3.37 1.22
C TYR A 132 -13.94 4.63 0.87
N ASP A 133 -15.23 4.58 1.15
CA ASP A 133 -16.13 5.72 0.97
C ASP A 133 -16.63 6.18 2.34
N PRO A 134 -16.23 7.36 2.84
CA PRO A 134 -16.60 7.72 4.22
C PRO A 134 -18.09 7.95 4.43
N LYS A 135 -18.88 8.10 3.37
CA LYS A 135 -20.32 8.16 3.52
C LYS A 135 -20.95 6.86 4.02
N THR A 136 -20.18 5.75 4.09
CA THR A 136 -20.73 4.54 4.69
C THR A 136 -20.76 4.60 6.22
N LYS A 137 -20.02 5.53 6.84
CA LYS A 137 -19.99 5.64 8.29
C LYS A 137 -21.24 6.37 8.79
N ASN A 138 -22.40 5.91 8.35
CA ASN A 138 -23.69 6.48 8.75
C ASN A 138 -24.30 5.57 9.82
N VAL A 139 -24.24 6.01 11.08
CA VAL A 139 -24.75 5.19 12.18
C VAL A 139 -26.27 5.13 12.23
N THR A 140 -26.98 5.88 11.40
CA THR A 140 -28.44 5.90 11.43
C THR A 140 -29.08 4.93 10.46
N LYS A 141 -28.31 4.34 9.56
CA LYS A 141 -28.80 3.41 8.56
C LYS A 141 -28.44 1.97 8.95
N GLU A 142 -29.32 1.04 8.62
CA GLU A 142 -28.99 -0.39 8.66
C GLU A 142 -27.63 -0.66 8.01
N ASN A 143 -26.94 -1.67 8.52
CA ASN A 143 -25.59 -1.97 8.03
C ASN A 143 -25.67 -3.21 7.16
N ASP A 144 -25.87 -3.00 5.87
CA ASP A 144 -26.01 -4.07 4.92
C ASP A 144 -24.69 -4.31 4.18
N SER A 145 -24.54 -5.53 3.66
CA SER A 145 -23.44 -5.78 2.75
C SER A 145 -23.45 -4.75 1.65
N LYS A 146 -22.28 -4.19 1.36
CA LYS A 146 -22.14 -3.16 0.34
C LYS A 146 -21.66 -3.76 -0.98
N GLU A 147 -22.01 -3.10 -2.07
CA GLU A 147 -21.57 -3.60 -3.36
C GLU A 147 -20.53 -2.63 -3.92
N GLY A 148 -20.84 -1.91 -4.99
CA GLY A 148 -19.90 -0.90 -5.47
C GLY A 148 -18.54 -1.51 -5.74
N PHE A 149 -17.49 -0.91 -5.16
CA PHE A 149 -16.15 -1.38 -5.48
C PHE A 149 -15.88 -2.78 -4.91
N PHE A 150 -16.62 -3.22 -3.88
CA PHE A 150 -16.47 -4.59 -3.41
C PHE A 150 -16.90 -5.61 -4.46
N THR A 151 -17.92 -5.27 -5.25
CA THR A 151 -18.33 -6.18 -6.32
C THR A 151 -17.24 -6.31 -7.38
N TYR A 152 -16.63 -5.18 -7.75
CA TYR A 152 -15.46 -5.19 -8.61
C TYR A 152 -14.35 -6.08 -8.04
N ILE A 153 -14.05 -5.91 -6.75
CA ILE A 153 -12.88 -6.59 -6.19
C ILE A 153 -13.08 -8.11 -6.21
N CYS A 154 -14.30 -8.57 -5.93
CA CYS A 154 -14.56 -10.01 -5.95
C CYS A 154 -14.34 -10.59 -7.34
N GLY A 155 -14.95 -9.99 -8.36
CA GLY A 155 -14.69 -10.44 -9.71
C GLY A 155 -13.22 -10.34 -10.09
N PHE A 156 -12.55 -9.29 -9.63
CA PHE A 156 -11.16 -9.08 -10.02
C PHE A 156 -10.29 -10.17 -9.44
N ILE A 157 -10.54 -10.55 -8.19
CA ILE A 157 -9.81 -11.64 -7.56
C ILE A 157 -10.02 -12.94 -8.34
N GLN A 158 -11.28 -13.28 -8.63
CA GLN A 158 -11.57 -14.55 -9.28
C GLN A 158 -11.02 -14.61 -10.69
N GLN A 159 -11.03 -13.48 -11.41
CA GLN A 159 -10.56 -13.48 -12.78
C GLN A 159 -9.06 -13.22 -12.94
N LYS A 160 -8.42 -12.47 -12.03
CA LYS A 160 -7.07 -11.98 -12.28
C LYS A 160 -6.08 -12.17 -11.13
N LEU A 161 -6.46 -12.84 -10.04
CA LEU A 161 -5.47 -13.20 -9.03
C LEU A 161 -4.88 -14.56 -9.39
N ALA A 162 -3.56 -14.62 -9.45
CA ALA A 162 -2.92 -15.91 -9.71
C ALA A 162 -3.19 -16.89 -8.58
N LEU A 163 -3.28 -18.17 -8.94
CA LEU A 163 -3.28 -19.21 -7.93
C LEU A 163 -2.01 -19.11 -7.10
N GLY A 164 -2.15 -19.19 -5.78
CA GLY A 164 -1.04 -18.94 -4.89
C GLY A 164 -0.88 -17.49 -4.48
N GLY A 165 -1.57 -16.55 -5.15
CA GLY A 165 -1.46 -15.15 -4.81
C GLY A 165 -2.25 -14.79 -3.56
N SER A 166 -2.02 -13.57 -3.06
CA SER A 166 -2.64 -13.14 -1.82
C SER A 166 -3.26 -11.75 -1.96
N VAL A 167 -4.17 -11.42 -1.05
CA VAL A 167 -4.84 -10.11 -1.05
C VAL A 167 -4.96 -9.56 0.38
N ALA A 168 -5.01 -8.23 0.47
CA ALA A 168 -5.37 -7.50 1.69
C ALA A 168 -6.33 -6.38 1.28
N ILE A 169 -7.58 -6.45 1.74
CA ILE A 169 -8.65 -5.54 1.33
C ILE A 169 -9.14 -4.83 2.58
N LYS A 170 -9.05 -3.50 2.59
CA LYS A 170 -9.48 -2.78 3.79
C LYS A 170 -11.00 -2.85 3.90
N ILE A 171 -11.49 -3.07 5.12
CA ILE A 171 -12.90 -3.00 5.45
C ILE A 171 -13.04 -2.16 6.72
N THR A 172 -14.28 -1.87 7.08
CA THR A 172 -14.63 -1.21 8.35
C THR A 172 -15.93 -1.84 8.83
N GLU A 173 -16.48 -1.29 9.90
CA GLU A 173 -17.78 -1.75 10.38
C GLU A 173 -18.82 -1.72 9.27
N HIS A 174 -18.90 -0.60 8.54
CA HIS A 174 -19.91 -0.37 7.53
C HIS A 174 -19.44 -0.63 6.11
N SER A 175 -18.12 -0.61 5.87
CA SER A 175 -17.56 -0.84 4.55
C SER A 175 -17.10 -2.30 4.46
N TRP A 176 -17.99 -3.15 3.97
CA TRP A 176 -17.73 -4.59 3.94
C TRP A 176 -18.66 -5.24 2.91
N ASN A 177 -18.38 -6.50 2.60
CA ASN A 177 -19.13 -7.22 1.59
C ASN A 177 -19.15 -8.70 1.94
N ALA A 178 -20.35 -9.31 1.91
CA ALA A 178 -20.49 -10.71 2.30
C ALA A 178 -19.76 -11.65 1.34
N ASP A 179 -19.79 -11.37 0.03
CA ASP A 179 -19.11 -12.24 -0.93
C ASP A 179 -17.59 -12.21 -0.76
N LEU A 180 -17.03 -11.06 -0.38
CA LEU A 180 -15.58 -11.00 -0.15
C LEU A 180 -15.18 -11.94 0.98
N TYR A 181 -15.90 -11.89 2.09
CA TYR A 181 -15.73 -12.86 3.18
C TYR A 181 -15.85 -14.29 2.66
N LYS A 182 -16.87 -14.55 1.85
CA LYS A 182 -17.04 -15.89 1.32
C LYS A 182 -15.82 -16.28 0.48
N LEU A 183 -15.31 -15.34 -0.32
CA LEU A 183 -14.12 -15.61 -1.12
C LEU A 183 -12.90 -15.92 -0.26
N MET A 184 -12.82 -15.38 0.96
CA MET A 184 -11.71 -15.78 1.83
C MET A 184 -11.67 -17.29 2.01
N GLY A 185 -12.80 -17.97 1.88
CA GLY A 185 -12.81 -19.42 1.92
C GLY A 185 -12.13 -20.08 0.74
N HIS A 186 -11.66 -19.31 -0.23
CA HIS A 186 -11.01 -19.85 -1.41
C HIS A 186 -9.50 -19.73 -1.32
N PHE A 187 -9.00 -19.28 -0.18
CA PHE A 187 -7.57 -19.22 0.06
C PHE A 187 -7.20 -20.31 1.06
N ALA A 188 -5.91 -20.66 1.08
CA ALA A 188 -5.44 -21.64 2.06
C ALA A 188 -5.67 -21.15 3.49
N TRP A 189 -5.69 -19.83 3.69
CA TRP A 189 -5.82 -19.26 5.02
C TRP A 189 -6.30 -17.82 4.86
N TRP A 190 -6.90 -17.27 5.91
CA TRP A 190 -7.41 -15.91 5.88
C TRP A 190 -7.50 -15.39 7.30
N THR A 191 -7.51 -14.06 7.43
CA THR A 191 -7.78 -13.42 8.70
C THR A 191 -8.26 -12.00 8.43
N ALA A 192 -8.70 -11.33 9.49
CA ALA A 192 -8.88 -9.89 9.50
C ALA A 192 -7.83 -9.33 10.43
N PHE A 193 -6.96 -8.45 9.90
CA PHE A 193 -5.84 -7.88 10.64
C PHE A 193 -6.09 -6.42 10.95
N VAL A 194 -5.89 -6.03 12.21
CA VAL A 194 -6.08 -4.66 12.70
C VAL A 194 -4.71 -4.13 13.08
N THR A 195 -4.33 -2.99 12.50
CA THR A 195 -3.01 -2.44 12.81
C THR A 195 -3.04 -1.77 14.18
N ASN A 196 -1.91 -1.85 14.89
CA ASN A 196 -1.85 -1.28 16.23
C ASN A 196 -1.91 0.25 16.21
N VAL A 197 -1.46 0.91 15.13
CA VAL A 197 -1.57 2.37 15.09
C VAL A 197 -2.99 2.85 14.90
N ASN A 198 -3.88 2.01 14.37
CA ASN A 198 -5.25 2.41 14.10
C ASN A 198 -6.26 1.55 14.87
N ALA A 199 -5.84 0.98 16.00
CA ALA A 199 -6.67 0.05 16.74
C ALA A 199 -7.95 0.67 17.29
N SER A 200 -8.04 1.99 17.32
CA SER A 200 -9.26 2.65 17.78
C SER A 200 -10.35 2.67 16.71
N SER A 201 -10.04 2.29 15.49
CA SER A 201 -11.00 2.30 14.39
C SER A 201 -11.47 0.88 14.10
N SER A 202 -12.68 0.74 13.56
CA SER A 202 -13.21 -0.57 13.19
C SER A 202 -12.62 -1.08 11.88
N GLU A 203 -11.75 -0.30 11.25
CA GLU A 203 -10.96 -0.76 10.12
C GLU A 203 -10.28 -2.09 10.41
N ALA A 204 -10.15 -2.91 9.39
CA ALA A 204 -9.23 -4.04 9.39
C ALA A 204 -8.88 -4.33 7.93
N PHE A 205 -7.85 -5.14 7.73
CA PHE A 205 -7.54 -5.62 6.39
C PHE A 205 -7.94 -7.09 6.31
N LEU A 206 -8.83 -7.40 5.38
CA LEU A 206 -9.23 -8.78 5.14
C LEU A 206 -8.13 -9.42 4.30
N ILE A 207 -7.41 -10.39 4.87
CA ILE A 207 -6.24 -10.97 4.22
C ILE A 207 -6.56 -12.39 3.78
N GLY A 208 -6.38 -12.67 2.50
CA GLY A 208 -6.46 -14.02 1.99
C GLY A 208 -5.09 -14.51 1.56
N CYS A 209 -4.61 -15.61 2.14
CA CYS A 209 -3.25 -16.08 1.94
C CYS A 209 -3.24 -17.33 1.04
N ASN A 210 -2.61 -17.20 -0.14
CA ASN A 210 -2.45 -18.28 -1.11
C ASN A 210 -3.77 -18.75 -1.73
N TYR A 211 -4.10 -18.16 -2.88
CA TYR A 211 -5.39 -18.34 -3.53
C TYR A 211 -5.48 -19.70 -4.21
N LEU A 212 -6.59 -20.42 -3.97
CA LEU A 212 -6.74 -21.77 -4.50
C LEU A 212 -7.74 -21.85 -5.64
N GLY A 213 -8.46 -20.77 -5.93
CA GLY A 213 -9.43 -20.74 -7.01
C GLY A 213 -10.66 -21.60 -6.83
N LYS A 214 -10.89 -22.14 -5.63
CA LYS A 214 -12.07 -22.93 -5.37
C LYS A 214 -12.37 -22.87 -3.87
N PRO A 215 -13.61 -23.21 -3.47
CA PRO A 215 -13.94 -23.22 -2.05
C PRO A 215 -13.10 -24.26 -1.31
N ARG A 216 -12.32 -23.78 -0.35
CA ARG A 216 -11.73 -24.70 0.60
C ARG A 216 -12.63 -24.84 1.83
N GLU A 217 -13.22 -23.74 2.28
CA GLU A 217 -14.27 -23.77 3.28
C GLU A 217 -15.44 -22.92 2.77
N GLN A 218 -16.64 -23.28 3.20
CA GLN A 218 -17.83 -22.51 2.86
C GLN A 218 -18.07 -21.52 3.99
N ILE A 219 -18.04 -20.24 3.66
CA ILE A 219 -18.14 -19.17 4.64
C ILE A 219 -19.39 -18.36 4.35
N ASP A 220 -20.22 -18.17 5.36
CA ASP A 220 -21.37 -17.27 5.27
C ASP A 220 -20.88 -15.85 5.59
N GLY A 221 -20.88 -14.99 4.58
CA GLY A 221 -20.26 -13.69 4.73
C GLY A 221 -20.94 -12.77 5.71
N TYR A 222 -22.28 -12.84 5.81
CA TYR A 222 -22.98 -12.01 6.79
C TYR A 222 -22.65 -12.42 8.22
N VAL A 223 -22.64 -13.72 8.48
CA VAL A 223 -22.27 -14.20 9.80
C VAL A 223 -20.80 -13.85 10.09
N MET A 224 -19.92 -13.97 9.09
CA MET A 224 -18.50 -13.76 9.38
C MET A 224 -18.23 -12.31 9.72
N HIS A 225 -18.90 -11.37 9.04
CA HIS A 225 -18.70 -9.98 9.42
C HIS A 225 -19.27 -9.73 10.80
N ALA A 226 -20.34 -10.43 11.17
CA ALA A 226 -20.86 -10.28 12.53
C ALA A 226 -19.89 -10.85 13.54
N ASN A 227 -19.20 -11.95 13.18
CA ASN A 227 -18.14 -12.47 14.04
C ASN A 227 -17.01 -11.47 14.21
N TYR A 228 -16.62 -10.81 13.12
CA TYR A 228 -15.53 -9.85 13.19
C TYR A 228 -15.89 -8.70 14.13
N ILE A 229 -17.07 -8.13 13.97
CA ILE A 229 -17.51 -7.02 14.82
C ILE A 229 -17.62 -7.48 16.27
N PHE A 230 -18.09 -8.71 16.48
CA PHE A 230 -18.16 -9.23 17.85
C PHE A 230 -16.76 -9.29 18.46
N TRP A 231 -15.77 -9.69 17.66
CA TRP A 231 -14.40 -9.69 18.16
C TRP A 231 -13.96 -8.28 18.51
N ARG A 232 -14.15 -7.32 17.59
CA ARG A 232 -13.77 -5.93 17.88
C ARG A 232 -14.51 -5.41 19.11
N ASN A 233 -15.80 -5.73 19.23
CA ASN A 233 -16.60 -5.20 20.33
C ASN A 233 -16.14 -5.70 21.70
N THR A 234 -15.57 -6.91 21.78
CA THR A 234 -15.23 -7.48 23.07
C THR A 234 -13.73 -7.53 23.34
N ASN A 235 -12.90 -7.08 22.40
CA ASN A 235 -11.44 -7.11 22.57
C ASN A 235 -10.82 -5.75 22.30
N PRO A 236 -10.87 -4.86 23.28
CA PRO A 236 -10.14 -3.59 23.16
C PRO A 236 -8.69 -3.88 22.80
N ILE A 237 -8.16 -3.11 21.85
CA ILE A 237 -6.77 -3.25 21.40
C ILE A 237 -6.04 -1.98 21.81
N GLN A 238 -4.92 -2.13 22.49
CA GLN A 238 -4.19 -0.96 22.96
C GLN A 238 -3.47 -0.32 21.78
N LEU A 239 -3.74 0.95 21.52
CA LEU A 239 -3.02 1.68 20.50
C LEU A 239 -1.52 1.54 20.73
N SER A 240 -0.79 1.25 19.65
CA SER A 240 0.65 1.08 19.77
C SER A 240 1.35 1.41 18.45
N SER A 241 2.46 2.12 18.55
CA SER A 241 3.35 2.35 17.42
C SER A 241 4.72 1.73 17.67
N TYR A 242 4.80 0.79 18.62
N TYR A 242 4.85 0.82 18.64
CA TYR A 242 6.07 0.19 18.99
CA TYR A 242 6.15 0.23 18.93
C TYR A 242 6.78 -0.46 17.79
C TYR A 242 6.79 -0.35 17.69
N SER A 243 6.04 -1.18 16.96
CA SER A 243 6.66 -1.93 15.87
C SER A 243 7.26 -1.01 14.80
N LEU A 244 6.83 0.25 14.72
CA LEU A 244 7.39 1.16 13.72
C LEU A 244 8.86 1.47 13.97
N PHE A 245 9.35 1.27 15.18
CA PHE A 245 10.74 1.57 15.51
C PHE A 245 11.71 0.46 15.17
N ASP A 246 11.22 -0.68 14.72
CA ASP A 246 12.09 -1.80 14.35
C ASP A 246 11.86 -2.14 12.89
N MET A 247 12.72 -1.57 12.04
CA MET A 247 12.65 -1.66 10.60
C MET A 247 13.72 -2.60 10.06
N SER A 248 14.50 -3.22 10.95
CA SER A 248 15.66 -3.98 10.51
C SER A 248 15.26 -5.16 9.61
N LYS A 249 14.13 -5.80 9.89
CA LYS A 249 13.70 -6.98 9.14
C LYS A 249 12.52 -6.70 8.21
N PHE A 250 12.35 -5.44 7.80
CA PHE A 250 11.12 -5.03 7.10
C PHE A 250 11.02 -5.56 5.67
N PRO A 251 12.03 -5.46 4.82
CA PRO A 251 11.84 -5.83 3.42
C PRO A 251 11.35 -7.26 3.22
N LEU A 252 10.45 -7.42 2.25
CA LEU A 252 9.96 -8.75 1.91
C LEU A 252 11.05 -9.55 1.21
N LYS A 253 11.29 -10.78 1.69
CA LYS A 253 12.33 -11.63 1.15
C LYS A 253 11.93 -12.12 -0.24
N LEU A 254 12.76 -11.84 -1.23
CA LEU A 254 12.52 -12.36 -2.57
C LEU A 254 12.77 -13.86 -2.51
N ARG A 255 11.69 -14.65 -2.43
CA ARG A 255 11.82 -16.10 -2.33
C ARG A 255 12.05 -16.77 -3.68
N GLY A 256 11.88 -16.05 -4.78
CA GLY A 256 11.97 -16.69 -6.08
C GLY A 256 10.99 -17.82 -6.26
N THR A 257 9.85 -17.75 -5.59
CA THR A 257 8.78 -18.72 -5.75
C THR A 257 8.59 -19.06 -7.21
N ALA A 258 8.31 -20.34 -7.48
CA ALA A 258 8.16 -20.81 -8.85
C ALA A 258 6.85 -20.34 -9.45
N VAL A 259 6.89 -20.01 -10.75
CA VAL A 259 5.73 -19.67 -11.55
C VAL A 259 5.63 -20.71 -12.67
N MET A 260 4.46 -21.34 -12.78
CA MET A 260 4.16 -22.26 -13.88
C MET A 260 2.83 -21.86 -14.49
N SER A 261 2.72 -22.00 -15.80
CA SER A 261 1.44 -21.90 -16.45
C SER A 261 0.85 -23.31 -16.51
N LEU A 262 -0.39 -23.45 -16.04
CA LEU A 262 -1.05 -24.75 -16.00
C LEU A 262 -2.51 -24.57 -16.38
N LYS A 263 -3.07 -25.58 -17.02
CA LYS A 263 -4.48 -25.59 -17.34
C LYS A 263 -5.27 -26.23 -16.18
N GLU A 264 -6.58 -26.00 -16.21
CA GLU A 264 -7.44 -26.43 -15.10
C GLU A 264 -7.26 -27.90 -14.75
N GLY A 265 -7.24 -28.77 -15.76
CA GLY A 265 -7.18 -30.19 -15.48
C GLY A 265 -5.90 -30.63 -14.79
N GLN A 266 -4.80 -29.89 -14.98
CA GLN A 266 -3.52 -30.32 -14.44
C GLN A 266 -3.37 -30.05 -12.95
N ILE A 267 -4.29 -29.33 -12.34
CA ILE A 267 -4.13 -28.94 -10.94
C ILE A 267 -4.56 -30.08 -10.03
N ASN A 268 -3.62 -30.95 -9.68
CA ASN A 268 -3.86 -32.07 -8.80
C ASN A 268 -3.73 -31.65 -7.33
N ASP A 269 -3.78 -32.62 -6.42
CA ASP A 269 -3.66 -32.32 -4.99
C ASP A 269 -2.23 -31.92 -4.63
N MET A 270 -1.26 -32.44 -5.36
CA MET A 270 0.13 -32.06 -5.14
C MET A 270 0.33 -30.59 -5.46
N ILE A 271 -0.23 -30.12 -6.57
CA ILE A 271 -0.19 -28.69 -6.90
C ILE A 271 -0.85 -27.88 -5.80
N LEU A 272 -2.08 -28.27 -5.43
CA LEU A 272 -2.82 -27.53 -4.42
C LEU A 272 -2.05 -27.47 -3.11
N SER A 273 -1.33 -28.54 -2.78
CA SER A 273 -0.54 -28.53 -1.55
C SER A 273 0.56 -27.47 -1.63
N LEU A 274 1.27 -27.41 -2.76
CA LEU A 274 2.30 -26.38 -2.93
C LEU A 274 1.70 -24.99 -2.96
N LEU A 275 0.52 -24.83 -3.58
CA LEU A 275 -0.12 -23.53 -3.57
C LEU A 275 -0.41 -23.10 -2.15
N SER A 276 -0.90 -24.05 -1.35
CA SER A 276 -1.25 -23.77 0.04
C SER A 276 -0.03 -23.39 0.88
N LYS A 277 1.16 -23.86 0.52
CA LYS A 277 2.35 -23.58 1.32
C LYS A 277 3.09 -22.33 0.88
N GLY A 278 2.53 -21.56 -0.05
CA GLY A 278 3.26 -20.42 -0.58
C GLY A 278 4.48 -20.80 -1.37
N ARG A 279 4.45 -21.96 -2.02
CA ARG A 279 5.60 -22.44 -2.77
C ARG A 279 5.38 -22.43 -4.28
N LEU A 280 4.25 -21.94 -4.77
CA LEU A 280 3.95 -22.02 -6.19
C LEU A 280 2.99 -20.92 -6.62
N ILE A 281 3.24 -20.32 -7.79
CA ILE A 281 2.36 -19.35 -8.43
C ILE A 281 1.96 -19.90 -9.79
N ILE A 282 0.67 -19.87 -10.09
CA ILE A 282 0.17 -20.37 -11.37
C ILE A 282 -0.44 -19.21 -12.13
N ARG A 283 0.23 -18.81 -13.21
CA ARG A 283 -0.25 -17.76 -14.10
C ARG A 283 0.68 -17.77 -15.30
N GLU A 284 0.28 -17.04 -16.35
CA GLU A 284 1.23 -16.74 -17.42
C GLU A 284 2.32 -15.82 -16.89
N ASN A 285 3.50 -15.89 -17.51
CA ASN A 285 4.57 -14.94 -17.25
C ASN A 285 4.75 -13.98 -18.42
N ASN A 286 3.63 -13.47 -18.93
CA ASN A 286 3.63 -12.56 -20.07
C ASN A 286 3.80 -11.11 -19.59
N ARG A 287 3.64 -10.17 -20.52
CA ARG A 287 3.81 -8.75 -20.25
C ARG A 287 2.69 -8.21 -19.37
N VAL A 288 3.03 -7.24 -18.53
CA VAL A 288 2.00 -6.56 -17.75
C VAL A 288 1.39 -5.44 -18.57
N VAL A 289 0.10 -5.58 -18.89
CA VAL A 289 -0.62 -4.60 -19.70
C VAL A 289 -1.93 -4.25 -19.01
N ILE A 290 -2.17 -2.96 -18.80
CA ILE A 290 -3.31 -2.48 -18.05
C ILE A 290 -4.03 -1.41 -18.86
N SER A 291 -5.29 -1.16 -18.53
CA SER A 291 -5.97 -0.03 -19.14
C SER A 291 -7.10 0.43 -18.24
N SER A 292 -7.63 1.62 -18.55
CA SER A 292 -8.78 2.18 -17.85
C SER A 292 -9.82 2.62 -18.87
N ASP A 293 -11.06 2.16 -18.72
CA ASP A 293 -12.14 2.56 -19.62
C ASP A 293 -12.52 4.02 -19.37
N VAL A 294 -12.63 4.80 -20.43
CA VAL A 294 -12.97 6.23 -20.35
C VAL A 294 -14.30 6.46 -21.06
N LEU A 295 -15.26 7.02 -20.34
CA LEU A 295 -16.55 7.36 -20.91
C LEU A 295 -16.46 8.66 -21.68
N VAL A 296 -16.88 8.67 -22.93
CA VAL A 296 -16.77 9.86 -23.78
C VAL A 296 -18.11 10.59 -23.83
N ASN A 297 -18.06 11.91 -23.65
CA ASN A 297 -19.22 12.78 -23.53
C ASN A 297 -18.95 14.11 -24.25
N ASN A 298 -19.87 14.53 -25.12
CA ASN A 298 -19.79 15.83 -25.80
C ASN A 298 -20.86 16.72 -25.21
N GLU A 299 -20.43 17.65 -24.35
CA GLU A 299 -21.32 18.54 -23.61
C GLU A 299 -21.77 19.77 -24.39
N ASN A 300 -21.37 19.90 -25.66
CA ASN A 300 -21.67 21.11 -26.44
C ASN A 300 -23.10 21.07 -26.96
N CYS A 301 -23.79 22.20 -26.83
CA CYS A 301 -25.22 22.33 -27.10
C CYS A 301 -25.62 21.80 -28.48
N ALA B 19 9.14 31.23 -27.89
CA ALA B 19 10.22 30.76 -27.02
C ALA B 19 9.85 30.87 -25.52
N PHE B 20 8.68 30.35 -25.14
CA PHE B 20 8.17 30.50 -23.77
C PHE B 20 7.80 29.15 -23.18
N ALA B 21 8.47 28.79 -22.07
CA ALA B 21 8.02 27.78 -21.14
C ALA B 21 8.06 28.35 -19.74
N VAL B 22 7.18 27.86 -18.87
CA VAL B 22 7.16 28.36 -17.49
C VAL B 22 8.39 27.84 -16.74
N ASP B 23 8.97 28.71 -15.90
CA ASP B 23 10.12 28.34 -15.07
C ASP B 23 9.65 28.14 -13.64
N ALA B 24 9.19 26.92 -13.34
CA ALA B 24 8.66 26.64 -12.01
C ALA B 24 9.77 26.62 -10.96
N ALA B 25 10.96 26.13 -11.33
CA ALA B 25 12.09 26.12 -10.41
C ALA B 25 12.37 27.51 -9.87
N LYS B 26 12.51 28.49 -10.78
CA LYS B 26 12.70 29.88 -10.35
C LYS B 26 11.53 30.35 -9.49
N ALA B 27 10.30 30.05 -9.91
CA ALA B 27 9.12 30.45 -9.16
C ALA B 27 9.21 29.99 -7.71
N TYR B 28 9.53 28.70 -7.49
CA TYR B 28 9.56 28.17 -6.13
C TYR B 28 10.68 28.82 -5.32
N LYS B 29 11.87 28.94 -5.89
CA LYS B 29 12.97 29.62 -5.21
C LYS B 29 12.57 31.04 -4.81
N ASP B 30 12.07 31.84 -5.76
CA ASP B 30 11.62 33.18 -5.40
C ASP B 30 10.55 33.11 -4.31
N TYR B 31 9.64 32.13 -4.43
CA TYR B 31 8.59 31.98 -3.43
C TYR B 31 9.19 31.72 -2.04
N LEU B 32 10.15 30.79 -1.96
CA LEU B 32 10.79 30.53 -0.68
C LEU B 32 11.48 31.78 -0.15
N ALA B 33 12.26 32.45 -1.02
CA ALA B 33 13.02 33.62 -0.60
C ALA B 33 12.12 34.72 -0.03
N SER B 34 10.90 34.85 -0.54
CA SER B 34 9.96 35.80 0.01
C SER B 34 9.33 35.34 1.32
N GLY B 35 9.72 34.18 1.82
CA GLY B 35 9.14 33.65 3.03
C GLY B 35 7.94 32.74 2.83
N GLY B 36 7.85 32.08 1.68
CA GLY B 36 6.74 31.18 1.44
C GLY B 36 6.90 29.86 2.21
N GLN B 37 5.77 29.36 2.71
CA GLN B 37 5.73 28.07 3.39
C GLN B 37 6.12 26.96 2.41
N PRO B 38 7.17 26.18 2.69
CA PRO B 38 7.55 25.10 1.76
C PRO B 38 6.42 24.11 1.50
N ILE B 39 6.49 23.47 0.33
CA ILE B 39 5.57 22.41 -0.03
C ILE B 39 5.57 21.34 1.07
N THR B 40 4.38 20.98 1.56
CA THR B 40 4.25 19.97 2.60
C THR B 40 3.80 18.63 2.00
N ASN B 41 3.54 17.67 2.89
CA ASN B 41 3.05 16.34 2.56
C ASN B 41 4.01 15.54 1.70
N CYS B 42 5.30 15.86 1.75
CA CYS B 42 6.29 14.92 1.26
C CYS B 42 6.23 13.67 2.11
N VAL B 43 6.32 12.51 1.48
CA VAL B 43 6.02 11.24 2.15
C VAL B 43 7.31 10.71 2.79
N LYS B 44 7.44 10.90 4.10
CA LYS B 44 8.58 10.38 4.84
C LYS B 44 8.39 8.91 5.21
N MET B 45 9.47 8.13 5.05
CA MET B 45 9.46 6.68 5.23
C MET B 45 10.00 6.28 6.60
N LEU B 46 9.48 5.19 7.14
CA LEU B 46 10.11 4.54 8.26
C LEU B 46 11.31 3.75 7.77
N CYS B 47 12.44 3.85 8.48
CA CYS B 47 13.63 3.10 8.10
C CYS B 47 14.58 3.02 9.30
N THR B 48 15.62 2.20 9.15
CA THR B 48 16.58 2.02 10.25
C THR B 48 17.45 3.25 10.46
N HIS B 49 17.66 4.04 9.41
CA HIS B 49 18.62 5.15 9.45
C HIS B 49 20.05 4.66 9.63
N THR B 50 20.32 3.47 9.13
CA THR B 50 21.68 2.93 9.07
C THR B 50 22.08 2.67 7.63
N GLY B 51 21.61 3.51 6.70
CA GLY B 51 21.83 3.31 5.30
C GLY B 51 23.08 4.00 4.79
N THR B 52 23.31 3.85 3.48
CA THR B 52 24.52 4.38 2.85
C THR B 52 24.56 5.90 2.84
N GLY B 53 23.43 6.58 2.96
CA GLY B 53 23.41 8.03 2.86
C GLY B 53 23.50 8.61 1.46
N GLN B 54 23.57 7.78 0.41
CA GLN B 54 23.50 8.34 -0.94
C GLN B 54 22.15 9.01 -1.19
N ALA B 55 22.11 9.86 -2.23
CA ALA B 55 21.03 10.85 -2.36
C ALA B 55 19.72 10.23 -2.85
N ILE B 56 19.78 9.42 -3.91
CA ILE B 56 18.58 8.90 -4.56
C ILE B 56 18.78 7.42 -4.77
N THR B 57 17.95 6.60 -4.11
CA THR B 57 18.22 5.17 -4.04
C THR B 57 16.95 4.37 -4.32
N VAL B 58 17.12 3.09 -4.64
CA VAL B 58 15.97 2.26 -4.96
C VAL B 58 15.19 1.91 -3.72
N THR B 59 15.80 2.05 -2.55
CA THR B 59 15.13 1.78 -1.28
C THR B 59 15.67 2.78 -0.27
N PRO B 60 14.92 3.06 0.80
CA PRO B 60 15.35 4.06 1.79
C PRO B 60 16.76 3.82 2.31
N GLU B 61 17.58 4.87 2.30
CA GLU B 61 18.98 4.74 2.67
C GLU B 61 19.45 5.83 3.63
N ALA B 62 18.54 6.44 4.40
CA ALA B 62 18.97 7.47 5.34
C ALA B 62 20.03 6.92 6.29
N ASN B 63 21.01 7.76 6.61
CA ASN B 63 21.89 7.50 7.73
C ASN B 63 21.33 8.22 8.95
N MET B 64 22.14 8.34 10.01
CA MET B 64 21.67 8.95 11.25
C MET B 64 21.34 10.43 11.08
N ASP B 65 21.84 11.08 10.02
CA ASP B 65 21.61 12.51 9.82
C ASP B 65 20.67 12.82 8.66
N GLN B 66 19.88 11.85 8.21
CA GLN B 66 18.97 12.08 7.10
C GLN B 66 17.59 11.49 7.39
N GLU B 67 16.61 12.00 6.66
CA GLU B 67 15.31 11.37 6.50
C GLU B 67 15.20 10.85 5.08
N SER B 68 14.43 9.80 4.89
CA SER B 68 14.19 9.22 3.58
C SER B 68 12.74 9.51 3.16
N PHE B 69 12.55 9.89 1.90
CA PHE B 69 11.23 10.27 1.41
C PHE B 69 10.89 9.54 0.11
N GLY B 70 9.60 9.30 -0.08
CA GLY B 70 9.11 8.88 -1.38
C GLY B 70 9.52 9.88 -2.45
N GLY B 71 10.18 9.40 -3.51
CA GLY B 71 10.76 10.31 -4.49
C GLY B 71 9.74 11.23 -5.14
N ALA B 72 8.68 10.65 -5.68
CA ALA B 72 7.66 11.46 -6.37
C ALA B 72 7.20 12.63 -5.52
N SER B 73 6.87 12.38 -4.25
CA SER B 73 6.33 13.43 -3.39
C SER B 73 7.31 14.57 -3.15
N CYS B 74 8.58 14.40 -3.50
CA CYS B 74 9.60 15.42 -3.29
C CYS B 74 10.02 16.11 -4.58
N CYS B 75 9.42 15.76 -5.71
CA CYS B 75 9.80 16.33 -7.00
C CYS B 75 8.86 17.47 -7.34
N LEU B 76 9.43 18.67 -7.51
CA LEU B 76 8.63 19.85 -7.80
C LEU B 76 7.73 19.64 -9.01
N TYR B 77 8.26 19.02 -10.07
CA TYR B 77 7.49 18.85 -11.29
C TYR B 77 6.34 17.87 -11.09
N CYS B 78 6.63 16.69 -10.51
CA CYS B 78 5.57 15.76 -10.15
C CYS B 78 4.48 16.46 -9.34
N ARG B 79 4.86 17.16 -8.27
CA ARG B 79 3.90 17.70 -7.33
C ARG B 79 3.09 18.85 -7.92
N CYS B 80 3.66 19.58 -8.86
CA CYS B 80 2.97 20.69 -9.49
C CYS B 80 2.21 20.29 -10.75
N HIS B 81 2.28 19.02 -11.15
CA HIS B 81 1.58 18.55 -12.34
C HIS B 81 2.05 19.30 -13.58
N ILE B 82 3.37 19.44 -13.72
CA ILE B 82 3.97 20.12 -14.85
C ILE B 82 5.00 19.19 -15.47
N ASP B 83 5.42 19.53 -16.70
CA ASP B 83 6.32 18.64 -17.43
C ASP B 83 7.72 18.66 -16.84
N HIS B 84 8.42 17.56 -16.99
CA HIS B 84 9.76 17.56 -16.42
C HIS B 84 10.73 18.24 -17.38
N PRO B 85 11.72 18.97 -16.85
CA PRO B 85 12.72 19.59 -17.75
C PRO B 85 13.54 18.58 -18.54
N ASN B 86 13.57 17.32 -18.12
CA ASN B 86 14.22 16.31 -18.94
C ASN B 86 13.59 16.31 -20.34
N PRO B 87 14.41 16.18 -21.40
CA PRO B 87 13.83 16.25 -22.76
C PRO B 87 12.90 15.10 -23.09
N LYS B 88 13.15 13.89 -22.58
CA LYS B 88 12.22 12.78 -22.71
C LYS B 88 11.20 12.74 -21.58
N GLY B 89 11.15 13.78 -20.74
CA GLY B 89 10.18 13.89 -19.67
C GLY B 89 10.42 13.00 -18.47
N PHE B 90 11.54 12.28 -18.43
CA PHE B 90 11.84 11.34 -17.36
C PHE B 90 12.08 12.07 -16.04
N CYS B 91 11.73 11.40 -14.93
CA CYS B 91 11.86 11.96 -13.60
C CYS B 91 12.93 11.23 -12.80
N ASP B 92 13.85 11.99 -12.20
CA ASP B 92 14.95 11.39 -11.45
C ASP B 92 14.48 10.74 -10.15
N LEU B 93 13.40 11.25 -9.56
CA LEU B 93 13.01 10.86 -8.21
C LEU B 93 11.86 9.87 -8.14
N LYS B 94 10.92 9.94 -9.09
CA LYS B 94 9.70 9.14 -8.99
C LYS B 94 10.06 7.66 -9.03
N GLY B 95 9.49 6.90 -8.09
CA GLY B 95 9.78 5.47 -7.97
C GLY B 95 11.05 5.15 -7.23
N LYS B 96 11.78 6.15 -6.73
CA LYS B 96 12.94 5.94 -5.88
C LYS B 96 12.72 6.65 -4.55
N TYR B 97 13.73 6.64 -3.69
CA TYR B 97 13.68 7.31 -2.40
C TYR B 97 14.82 8.31 -2.36
N VAL B 98 14.51 9.54 -1.93
CA VAL B 98 15.51 10.58 -1.78
C VAL B 98 15.81 10.76 -0.30
N GLN B 99 17.11 10.87 0.02
CA GLN B 99 17.58 11.13 1.38
C GLN B 99 17.80 12.64 1.54
N ILE B 100 17.28 13.20 2.62
CA ILE B 100 17.33 14.65 2.87
C ILE B 100 18.03 14.86 4.20
N PRO B 101 19.02 15.75 4.29
CA PRO B 101 19.57 16.11 5.59
C PRO B 101 18.46 16.53 6.53
N THR B 102 18.52 16.02 7.76
CA THR B 102 17.45 16.28 8.72
C THR B 102 17.27 17.77 8.96
N THR B 103 18.36 18.54 8.91
CA THR B 103 18.28 19.99 9.03
C THR B 103 17.57 20.65 7.86
N CYS B 104 17.34 19.94 6.76
CA CYS B 104 16.59 20.48 5.64
C CYS B 104 15.25 19.78 5.42
N ALA B 105 14.91 18.78 6.24
CA ALA B 105 13.74 17.96 5.97
C ALA B 105 12.43 18.73 6.06
N ASN B 106 12.47 19.99 6.49
CA ASN B 106 11.27 20.83 6.44
C ASN B 106 10.88 21.21 5.01
N ASP B 107 11.78 21.05 4.05
CA ASP B 107 11.53 21.48 2.67
C ASP B 107 12.26 20.55 1.72
N PRO B 108 11.81 19.30 1.61
CA PRO B 108 12.47 18.36 0.71
C PRO B 108 12.42 18.77 -0.76
N VAL B 109 11.34 19.43 -1.20
CA VAL B 109 11.28 19.85 -2.59
C VAL B 109 12.34 20.90 -2.87
N GLY B 110 12.40 21.93 -2.02
CA GLY B 110 13.47 22.91 -2.15
C GLY B 110 14.83 22.27 -2.14
N PHE B 111 15.06 21.34 -1.21
CA PHE B 111 16.38 20.71 -1.15
C PHE B 111 16.74 20.05 -2.47
N THR B 112 15.86 19.18 -2.99
CA THR B 112 16.21 18.45 -4.20
C THR B 112 16.38 19.39 -5.39
N LEU B 113 15.60 20.46 -5.44
CA LEU B 113 15.76 21.46 -6.50
C LEU B 113 17.14 22.11 -6.44
N LYS B 114 17.49 22.69 -5.29
CA LYS B 114 18.66 23.54 -5.14
C LYS B 114 19.97 22.77 -5.03
N ASN B 115 19.96 21.45 -4.96
CA ASN B 115 21.21 20.73 -4.73
C ASN B 115 21.41 19.71 -5.85
N THR B 116 22.57 19.06 -5.82
CA THR B 116 23.00 18.26 -6.95
C THR B 116 23.75 17.02 -6.47
N VAL B 117 23.53 15.91 -7.16
CA VAL B 117 24.13 14.61 -6.78
C VAL B 117 25.47 14.46 -7.47
N CYS B 118 26.50 14.08 -6.72
CA CYS B 118 27.80 13.75 -7.31
C CYS B 118 27.67 12.49 -8.16
N THR B 119 27.95 12.63 -9.46
CA THR B 119 27.88 11.53 -10.41
C THR B 119 28.88 10.42 -10.13
N VAL B 120 29.84 10.63 -9.23
CA VAL B 120 30.85 9.62 -8.95
C VAL B 120 30.46 8.75 -7.75
N CYS B 121 30.13 9.37 -6.61
CA CYS B 121 29.84 8.63 -5.40
C CYS B 121 28.36 8.58 -5.05
N GLY B 122 27.52 9.36 -5.72
CA GLY B 122 26.10 9.31 -5.46
C GLY B 122 25.65 10.01 -4.21
N MET B 123 26.52 10.75 -3.53
CA MET B 123 26.11 11.57 -2.39
C MET B 123 25.76 12.98 -2.87
N TRP B 124 24.99 13.69 -2.04
CA TRP B 124 24.72 15.09 -2.32
C TRP B 124 26.00 15.90 -2.21
N LYS B 125 26.32 16.65 -3.28
CA LYS B 125 27.40 17.62 -3.21
C LYS B 125 27.21 18.53 -2.01
N GLY B 126 28.21 18.60 -1.14
CA GLY B 126 28.11 19.42 0.05
C GLY B 126 27.35 18.78 1.21
N TYR B 127 26.83 17.56 1.04
CA TYR B 127 26.05 16.90 2.08
C TYR B 127 26.36 15.41 2.10
N GLY B 128 27.65 15.07 2.02
CA GLY B 128 28.05 13.68 1.99
C GLY B 128 29.14 13.41 0.98
N CYS B 129 29.22 14.22 -0.08
CA CYS B 129 30.24 14.00 -1.10
C CYS B 129 31.59 14.45 -0.58
N SER B 130 32.55 13.54 -0.55
CA SER B 130 33.90 13.82 -0.07
C SER B 130 34.95 13.61 -1.17
N CYS B 131 34.54 13.69 -2.44
CA CYS B 131 35.42 13.49 -3.58
C CYS B 131 36.36 14.68 -3.82
N ASP B 132 36.29 15.72 -2.99
CA ASP B 132 37.20 16.84 -3.12
C ASP B 132 38.20 16.85 -1.96
N GLN B 133 38.81 15.69 -1.70
CA GLN B 133 39.82 15.55 -0.65
C GLN B 133 41.04 14.84 -1.20
#